data_7EBX
#
_entry.id   7EBX
#
_cell.length_a   102.155
_cell.length_b   102.155
_cell.length_c   102.144
_cell.angle_alpha   90.000
_cell.angle_beta   90.000
_cell.angle_gamma   90.000
#
_symmetry.space_group_name_H-M   'P 43 2 2'
#
loop_
_entity.id
_entity.type
_entity.pdbx_description
1 polymer 'juvenile hormone acid methyltransferase'
2 non-polymer S-ADENOSYL-L-HOMOCYSTEINE
3 water water
#
_entity_poly.entity_id   1
_entity_poly.type   'polypeptide(L)'
_entity_poly.pdbx_seq_one_letter_code
;MNDDAELYRNSSSMQRRDALNSLTEYLPKFKWKESKEKILDIGCADGSVTNIISSCCPTDFELFEACDVNVKSVKYATEH
YGTSKMRFRVMDIESDLPKEMKGKFDHVFSFYTLHWIENQEKAFQNIYDLTADDGECFLTLLAQMPVFNLFDALKHTEKW
RHWLRYIKNFISPYYETSDPDVVIELLLKRVGFRYVDVRCRQKKFEFYDLKSFRNLLEAVSPFKVGQELQEELIDDVMEV
AKEMRIIDTQNSTAKLIYNLVVIHCRK
;
_entity_poly.pdbx_strand_id   A
#
# COMPACT_ATOMS: atom_id res chain seq x y z
N SER A 12 -10.13 0.62 0.36
CA SER A 12 -11.14 -0.25 -0.31
C SER A 12 -11.19 -1.62 0.37
N SER A 13 -12.19 -2.45 0.02
CA SER A 13 -12.47 -3.78 0.62
C SER A 13 -11.21 -4.64 0.67
N MET A 14 -10.47 -4.71 -0.45
CA MET A 14 -9.24 -5.53 -0.59
C MET A 14 -8.22 -5.14 0.50
N GLN A 15 -7.88 -3.85 0.60
CA GLN A 15 -6.90 -3.32 1.59
C GLN A 15 -7.35 -3.65 3.01
N ARG A 16 -8.65 -3.45 3.31
CA ARG A 16 -9.26 -3.78 4.62
C ARG A 16 -9.02 -5.26 4.94
N ARG A 17 -9.48 -6.14 4.05
CA ARG A 17 -9.43 -7.62 4.21
C ARG A 17 -7.97 -8.05 4.40
N ASP A 18 -7.05 -7.51 3.60
CA ASP A 18 -5.62 -7.90 3.59
C ASP A 18 -4.92 -7.34 4.84
N ALA A 19 -5.28 -6.12 5.26
CA ALA A 19 -4.75 -5.47 6.48
C ALA A 19 -5.14 -6.30 7.72
N LEU A 20 -6.43 -6.59 7.86
CA LEU A 20 -7.00 -7.42 8.96
C LEU A 20 -6.30 -8.79 9.00
N ASN A 21 -6.26 -9.49 7.86
CA ASN A 21 -5.70 -10.87 7.73
C ASN A 21 -4.19 -10.83 8.04
N SER A 22 -3.48 -9.82 7.55
CA SER A 22 -2.02 -9.62 7.77
C SER A 22 -1.74 -9.45 9.27
N LEU A 23 -2.56 -8.65 9.95
CA LEU A 23 -2.43 -8.36 11.41
C LEU A 23 -2.75 -9.62 12.22
N THR A 24 -3.98 -10.15 12.09
CA THR A 24 -4.49 -11.33 12.83
C THR A 24 -3.43 -12.43 12.89
N GLU A 25 -2.57 -12.53 11.86
CA GLU A 25 -1.54 -13.59 11.70
C GLU A 25 -0.25 -13.22 12.43
N TYR A 26 0.21 -11.97 12.29
CA TYR A 26 1.58 -11.52 12.68
C TYR A 26 1.59 -10.89 14.08
N LEU A 27 0.44 -10.48 14.62
CA LEU A 27 0.34 -9.84 15.97
C LEU A 27 0.96 -10.74 17.03
N PRO A 28 0.64 -12.06 17.07
CA PRO A 28 1.27 -12.97 18.03
C PRO A 28 2.81 -13.00 18.00
N LYS A 29 3.43 -12.65 16.87
CA LYS A 29 4.89 -12.75 16.64
C LYS A 29 5.61 -11.46 17.04
N PHE A 30 4.87 -10.41 17.42
CA PHE A 30 5.42 -9.07 17.79
C PHE A 30 5.93 -9.08 19.24
N LYS A 31 7.04 -8.38 19.48
CA LYS A 31 7.50 -7.97 20.84
C LYS A 31 6.82 -6.64 21.18
N TRP A 32 6.19 -6.56 22.37
CA TRP A 32 5.49 -5.35 22.86
C TRP A 32 6.24 -4.77 24.07
N LYS A 33 6.92 -3.65 23.88
CA LYS A 33 7.62 -2.97 24.97
C LYS A 33 6.64 -2.63 26.08
N GLU A 34 7.10 -2.81 27.31
CA GLU A 34 6.27 -2.56 28.52
C GLU A 34 5.99 -1.05 28.64
N SER A 35 7.01 -0.21 28.46
CA SER A 35 6.93 1.27 28.54
C SER A 35 6.08 1.82 27.40
N LYS A 36 5.44 2.98 27.61
CA LYS A 36 4.61 3.71 26.62
C LYS A 36 5.33 3.72 25.25
N GLU A 37 4.59 3.39 24.18
CA GLU A 37 5.09 3.12 22.81
C GLU A 37 5.03 4.38 21.96
N LYS A 38 5.84 4.43 20.90
CA LYS A 38 5.79 5.46 19.81
C LYS A 38 5.63 4.73 18.47
N ILE A 39 4.45 4.80 17.85
CA ILE A 39 4.11 4.03 16.61
C ILE A 39 3.92 5.00 15.43
N LEU A 40 4.28 4.54 14.23
CA LEU A 40 4.09 5.27 12.94
C LEU A 40 3.46 4.31 11.91
N ASP A 41 2.38 4.76 11.25
CA ASP A 41 1.84 4.14 10.01
C ASP A 41 2.17 5.06 8.84
N ILE A 42 2.58 4.49 7.70
CA ILE A 42 2.97 5.26 6.47
C ILE A 42 1.97 4.93 5.36
N GLY A 43 1.54 5.96 4.62
CA GLY A 43 0.36 5.92 3.75
C GLY A 43 -0.85 5.60 4.60
N CYS A 44 -1.45 6.61 5.25
CA CYS A 44 -2.64 6.42 6.13
C CYS A 44 -3.92 6.54 5.30
N ALA A 45 -3.90 7.42 4.28
CA ALA A 45 -5.02 7.71 3.36
C ALA A 45 -6.26 8.11 4.19
N ASP A 46 -7.38 7.40 4.01
CA ASP A 46 -8.67 7.66 4.72
C ASP A 46 -8.44 7.73 6.24
N GLY A 47 -7.54 6.90 6.76
CA GLY A 47 -7.29 6.75 8.21
C GLY A 47 -8.02 5.55 8.78
N SER A 48 -9.02 5.05 8.04
CA SER A 48 -9.87 3.89 8.40
C SER A 48 -9.01 2.69 8.80
N VAL A 49 -8.05 2.33 7.94
CA VAL A 49 -7.19 1.12 8.09
C VAL A 49 -6.19 1.33 9.24
N THR A 50 -5.60 2.52 9.35
CA THR A 50 -4.59 2.85 10.40
C THR A 50 -5.31 2.89 11.76
N ASN A 51 -6.61 3.20 11.77
CA ASN A 51 -7.49 3.10 12.97
C ASN A 51 -7.63 1.63 13.38
N ILE A 52 -7.73 0.71 12.41
CA ILE A 52 -7.76 -0.77 12.65
C ILE A 52 -6.45 -1.18 13.33
N ILE A 53 -5.32 -0.63 12.86
CA ILE A 53 -3.94 -0.96 13.33
C ILE A 53 -3.80 -0.49 14.79
N SER A 54 -4.16 0.76 15.07
CA SER A 54 -4.10 1.40 16.42
C SER A 54 -4.88 0.54 17.43
N SER A 55 -6.02 -0.02 17.00
CA SER A 55 -6.95 -0.83 17.85
C SER A 55 -6.31 -2.16 18.27
N CYS A 56 -5.21 -2.57 17.63
CA CYS A 56 -4.57 -3.90 17.82
C CYS A 56 -3.56 -3.84 18.98
N CYS A 57 -3.94 -4.41 20.13
CA CYS A 57 -3.17 -4.47 21.40
C CYS A 57 -2.75 -3.05 21.81
N PRO A 58 -1.54 -2.78 22.36
CA PRO A 58 -1.30 -1.62 23.22
C PRO A 58 -2.41 -0.56 23.34
N THR A 59 -3.10 -0.59 24.48
CA THR A 59 -4.11 0.41 24.92
C THR A 59 -3.36 1.63 25.51
N ASP A 60 -2.20 1.39 26.12
CA ASP A 60 -1.32 2.42 26.73
C ASP A 60 -0.08 2.61 25.86
N PHE A 61 -0.08 3.62 25.00
CA PHE A 61 1.08 4.11 24.20
C PHE A 61 1.16 5.64 24.33
N GLU A 62 2.36 6.21 24.21
CA GLU A 62 2.60 7.67 24.34
C GLU A 62 1.96 8.39 23.13
N LEU A 63 2.45 8.12 21.92
CA LEU A 63 2.00 8.76 20.66
C LEU A 63 1.95 7.73 19.52
N PHE A 64 0.93 7.83 18.68
CA PHE A 64 0.78 7.13 17.38
C PHE A 64 0.68 8.18 16.28
N GLU A 65 1.62 8.18 15.33
CA GLU A 65 1.64 9.13 14.19
C GLU A 65 1.29 8.38 12.90
N ALA A 66 0.61 9.04 11.96
CA ALA A 66 0.14 8.47 10.68
C ALA A 66 0.31 9.51 9.56
N CYS A 67 1.20 9.24 8.60
CA CYS A 67 1.58 10.19 7.51
C CYS A 67 1.13 9.68 6.15
N ASP A 68 1.10 10.59 5.17
CA ASP A 68 0.68 10.34 3.76
C ASP A 68 1.15 11.55 2.92
N VAL A 69 1.07 11.45 1.59
CA VAL A 69 1.47 12.52 0.63
C VAL A 69 0.24 13.36 0.26
N ASN A 70 -0.90 12.71 0.01
CA ASN A 70 -2.19 13.37 -0.31
C ASN A 70 -2.57 14.30 0.86
N VAL A 71 -2.86 15.57 0.56
CA VAL A 71 -3.18 16.63 1.56
C VAL A 71 -4.68 16.60 1.84
N LYS A 72 -5.51 16.41 0.80
CA LYS A 72 -6.98 16.21 0.91
C LYS A 72 -7.28 15.09 1.91
N SER A 73 -6.49 14.01 1.87
CA SER A 73 -6.69 12.77 2.67
C SER A 73 -6.27 12.99 4.13
N VAL A 74 -5.09 13.58 4.36
CA VAL A 74 -4.51 13.80 5.73
C VAL A 74 -5.50 14.65 6.54
N LYS A 75 -6.19 15.61 5.89
CA LYS A 75 -7.18 16.51 6.53
C LYS A 75 -8.46 15.71 6.87
N TYR A 76 -9.01 14.99 5.89
CA TYR A 76 -10.16 14.05 6.07
C TYR A 76 -9.86 13.12 7.25
N ALA A 77 -8.66 12.56 7.24
CA ALA A 77 -8.21 11.48 8.16
C ALA A 77 -7.92 12.05 9.56
N THR A 78 -7.41 13.29 9.65
CA THR A 78 -7.12 13.97 10.94
C THR A 78 -8.44 14.44 11.58
N GLU A 79 -9.40 14.90 10.78
CA GLU A 79 -10.68 15.49 11.29
C GLU A 79 -11.64 14.36 11.69
N HIS A 80 -11.59 13.20 11.03
CA HIS A 80 -12.50 12.05 11.26
C HIS A 80 -11.91 11.09 12.31
N TYR A 81 -10.60 10.80 12.26
CA TYR A 81 -9.92 9.76 13.09
C TYR A 81 -8.89 10.37 14.06
N GLY A 82 -8.47 11.62 13.86
CA GLY A 82 -7.41 12.26 14.67
C GLY A 82 -7.86 12.49 16.10
N THR A 83 -6.96 12.26 17.06
CA THR A 83 -7.21 12.35 18.53
C THR A 83 -5.97 12.97 19.20
N SER A 84 -5.90 12.87 20.53
CA SER A 84 -4.77 13.33 21.37
C SER A 84 -3.48 12.62 20.95
N LYS A 85 -3.53 11.29 20.88
CA LYS A 85 -2.36 10.39 20.65
C LYS A 85 -2.38 9.84 19.22
N MET A 86 -3.19 10.43 18.32
CA MET A 86 -3.30 10.02 16.90
C MET A 86 -3.07 11.25 16.00
N ARG A 87 -1.80 11.63 15.80
CA ARG A 87 -1.37 12.79 14.99
C ARG A 87 -1.26 12.39 13.52
N PHE A 88 -1.83 13.19 12.62
CA PHE A 88 -1.90 12.94 11.16
C PHE A 88 -1.09 14.00 10.41
N ARG A 89 0.18 13.70 10.15
CA ARG A 89 1.19 14.61 9.52
C ARG A 89 1.21 14.36 8.00
N VAL A 90 1.70 15.33 7.23
CA VAL A 90 2.06 15.18 5.78
C VAL A 90 3.57 14.94 5.71
N MET A 91 3.99 13.83 5.07
CA MET A 91 5.42 13.45 4.90
C MET A 91 5.57 12.62 3.62
N ASP A 92 6.78 12.62 3.05
CA ASP A 92 7.19 11.81 1.86
C ASP A 92 8.40 10.97 2.26
N ILE A 93 8.31 9.64 2.05
CA ILE A 93 9.40 8.68 2.35
C ILE A 93 10.48 8.82 1.27
N GLU A 94 10.08 9.10 0.02
CA GLU A 94 10.98 9.48 -1.09
C GLU A 94 11.41 10.94 -0.88
N SER A 95 12.22 11.17 0.16
CA SER A 95 12.64 12.49 0.69
C SER A 95 13.40 12.28 2.00
N ASP A 96 14.22 13.26 2.40
CA ASP A 96 15.09 13.18 3.61
C ASP A 96 14.27 13.53 4.85
N LEU A 97 14.52 12.82 5.96
CA LEU A 97 13.83 13.02 7.27
C LEU A 97 14.41 14.23 7.98
N PRO A 98 13.66 14.87 8.90
CA PRO A 98 14.24 15.77 9.89
C PRO A 98 15.04 14.96 10.92
N LYS A 99 16.12 15.54 11.44
CA LYS A 99 17.00 14.96 12.51
C LYS A 99 16.13 14.50 13.70
N GLU A 100 14.95 15.09 13.87
CA GLU A 100 14.02 14.85 15.00
C GLU A 100 13.57 13.38 15.05
N MET A 101 13.29 12.78 13.89
CA MET A 101 12.52 11.52 13.75
C MET A 101 13.44 10.28 13.70
N LYS A 102 14.75 10.46 13.46
CA LYS A 102 15.72 9.34 13.42
C LYS A 102 15.69 8.60 14.77
N GLY A 103 15.31 7.32 14.77
CA GLY A 103 15.23 6.47 15.97
C GLY A 103 14.14 6.89 16.93
N LYS A 104 13.08 7.54 16.42
CA LYS A 104 11.95 8.08 17.22
C LYS A 104 10.98 6.95 17.60
N PHE A 105 10.59 6.12 16.63
CA PHE A 105 9.42 5.20 16.69
C PHE A 105 9.84 3.77 17.06
N ASP A 106 9.05 3.15 17.94
CA ASP A 106 9.27 1.77 18.47
C ASP A 106 8.71 0.73 17.48
N HIS A 107 7.59 1.05 16.83
CA HIS A 107 6.87 0.18 15.86
C HIS A 107 6.50 0.99 14.61
N VAL A 108 6.97 0.58 13.42
CA VAL A 108 6.64 1.22 12.13
C VAL A 108 5.77 0.27 11.29
N PHE A 109 4.62 0.77 10.82
CA PHE A 109 3.66 0.06 9.94
C PHE A 109 3.57 0.81 8.60
N SER A 110 3.18 0.09 7.54
CA SER A 110 2.88 0.65 6.19
C SER A 110 2.28 -0.43 5.30
N PHE A 111 1.02 -0.27 4.93
CA PHE A 111 0.34 -1.23 4.11
C PHE A 111 -0.02 -0.68 2.75
N TYR A 112 0.26 -1.47 1.73
CA TYR A 112 -0.16 -1.20 0.33
C TYR A 112 0.39 0.15 -0.16
N THR A 113 1.56 0.56 0.30
CA THR A 113 2.08 1.95 0.11
C THR A 113 3.45 1.98 -0.57
N LEU A 114 4.33 1.00 -0.31
CA LEU A 114 5.77 1.07 -0.69
C LEU A 114 6.00 0.70 -2.16
N HIS A 115 4.96 0.30 -2.91
CA HIS A 115 5.05 -0.06 -4.35
C HIS A 115 4.82 1.18 -5.23
N TRP A 116 4.75 2.37 -4.62
CA TRP A 116 4.63 3.67 -5.32
C TRP A 116 6.02 4.31 -5.44
N ILE A 117 6.92 4.00 -4.53
CA ILE A 117 8.25 4.68 -4.37
C ILE A 117 9.13 4.32 -5.57
N GLU A 118 9.51 5.33 -6.37
CA GLU A 118 10.48 5.22 -7.48
C GLU A 118 11.81 4.71 -6.93
N ASN A 119 12.35 5.38 -5.91
CA ASN A 119 13.63 5.04 -5.24
C ASN A 119 13.36 4.11 -4.05
N GLN A 120 13.34 2.80 -4.29
CA GLN A 120 13.04 1.75 -3.27
C GLN A 120 14.02 1.87 -2.09
N GLU A 121 15.33 1.84 -2.36
CA GLU A 121 16.38 1.73 -1.31
C GLU A 121 16.34 2.96 -0.39
N LYS A 122 16.16 4.16 -0.94
CA LYS A 122 16.03 5.42 -0.16
C LYS A 122 14.91 5.25 0.87
N ALA A 123 13.74 4.79 0.43
CA ALA A 123 12.52 4.65 1.26
C ALA A 123 12.78 3.65 2.39
N PHE A 124 13.32 2.47 2.06
CA PHE A 124 13.66 1.39 3.02
C PHE A 124 14.79 1.84 3.94
N GLN A 125 15.75 2.61 3.43
CA GLN A 125 16.88 3.19 4.23
C GLN A 125 16.30 4.14 5.28
N ASN A 126 15.40 5.03 4.87
CA ASN A 126 14.59 5.87 5.79
C ASN A 126 13.97 4.95 6.84
N ILE A 127 13.10 4.02 6.43
CA ILE A 127 12.31 3.14 7.34
C ILE A 127 13.21 2.63 8.47
N TYR A 128 14.40 2.14 8.15
CA TYR A 128 15.40 1.60 9.12
C TYR A 128 15.78 2.69 10.14
N ASP A 129 16.01 3.91 9.65
CA ASP A 129 16.47 5.07 10.46
C ASP A 129 15.34 5.54 11.40
N LEU A 130 14.07 5.49 10.95
CA LEU A 130 12.89 5.89 11.78
C LEU A 130 12.74 4.89 12.94
N THR A 131 12.84 3.60 12.65
CA THR A 131 12.70 2.49 13.64
C THR A 131 13.73 2.71 14.75
N ALA A 132 13.27 2.71 16.01
CA ALA A 132 14.09 2.89 17.22
C ALA A 132 14.93 1.64 17.46
N ASP A 133 16.00 1.76 18.25
CA ASP A 133 16.93 0.65 18.59
C ASP A 133 16.14 -0.49 19.23
N ASP A 134 16.31 -1.71 18.71
CA ASP A 134 15.55 -2.91 19.14
C ASP A 134 14.06 -2.65 18.89
N GLY A 135 13.71 -2.28 17.65
CA GLY A 135 12.33 -1.97 17.21
C GLY A 135 11.83 -3.00 16.21
N GLU A 136 10.57 -2.89 15.78
CA GLU A 136 9.91 -3.83 14.84
C GLU A 136 9.26 -3.05 13.68
N CYS A 137 9.39 -3.59 12.47
CA CYS A 137 8.68 -3.17 11.24
C CYS A 137 7.55 -4.18 10.94
N PHE A 138 6.53 -3.75 10.19
CA PHE A 138 5.51 -4.65 9.59
C PHE A 138 4.86 -3.94 8.40
N LEU A 139 5.27 -4.29 7.18
CA LEU A 139 4.88 -3.63 5.91
C LEU A 139 4.32 -4.66 4.93
N THR A 140 3.10 -4.45 4.44
CA THR A 140 2.52 -5.16 3.27
C THR A 140 2.80 -4.32 2.03
N LEU A 141 2.87 -4.96 0.86
CA LEU A 141 3.41 -4.36 -0.38
C LEU A 141 2.97 -5.20 -1.59
N LEU A 142 2.45 -4.56 -2.63
CA LEU A 142 1.96 -5.25 -3.86
C LEU A 142 3.13 -5.56 -4.78
N ALA A 143 3.13 -6.75 -5.37
CA ALA A 143 4.02 -7.18 -6.48
C ALA A 143 3.17 -7.36 -7.74
N GLN A 144 2.97 -8.60 -8.19
CA GLN A 144 2.12 -8.94 -9.38
C GLN A 144 0.66 -8.62 -9.05
N MET A 145 0.02 -7.80 -9.88
CA MET A 145 -1.40 -7.36 -9.73
C MET A 145 -2.00 -7.14 -11.12
N PRO A 146 -3.11 -7.82 -11.47
CA PRO A 146 -3.71 -7.68 -12.80
C PRO A 146 -4.11 -6.25 -13.18
N VAL A 147 -4.68 -5.50 -12.23
CA VAL A 147 -5.15 -4.10 -12.43
C VAL A 147 -4.05 -3.29 -13.13
N PHE A 148 -2.79 -3.45 -12.70
CA PHE A 148 -1.61 -2.80 -13.34
C PHE A 148 -1.58 -3.15 -14.83
N ASN A 149 -1.69 -4.45 -15.15
CA ASN A 149 -1.64 -4.97 -16.53
C ASN A 149 -2.87 -4.49 -17.30
N LEU A 150 -4.02 -4.36 -16.62
CA LEU A 150 -5.32 -3.94 -17.20
C LEU A 150 -5.22 -2.49 -17.70
N PHE A 151 -4.64 -1.58 -16.91
CA PHE A 151 -4.51 -0.14 -17.24
C PHE A 151 -3.38 0.06 -18.26
N ASP A 152 -2.23 -0.60 -18.05
CA ASP A 152 -1.07 -0.52 -18.98
C ASP A 152 -1.50 -1.06 -20.35
N ALA A 153 -2.45 -2.01 -20.38
CA ALA A 153 -3.06 -2.57 -21.61
C ALA A 153 -3.82 -1.48 -22.36
N LEU A 154 -4.61 -0.67 -21.64
CA LEU A 154 -5.42 0.45 -22.20
C LEU A 154 -4.48 1.54 -22.76
N LYS A 155 -3.45 1.90 -21.99
CA LYS A 155 -2.44 2.92 -22.36
C LYS A 155 -1.80 2.55 -23.71
N HIS A 156 -1.84 1.27 -24.10
CA HIS A 156 -1.22 0.73 -25.34
C HIS A 156 -2.29 0.48 -26.42
N THR A 157 -3.57 0.73 -26.13
CA THR A 157 -4.70 0.64 -27.10
C THR A 157 -4.48 1.66 -28.21
N GLU A 158 -4.85 1.30 -29.45
CA GLU A 158 -4.67 2.15 -30.66
C GLU A 158 -5.35 3.51 -30.43
N LYS A 159 -6.55 3.52 -29.85
CA LYS A 159 -7.36 4.74 -29.57
C LYS A 159 -6.61 5.64 -28.59
N TRP A 160 -6.13 5.09 -27.47
CA TRP A 160 -5.60 5.86 -26.30
C TRP A 160 -4.07 5.99 -26.36
N ARG A 161 -3.40 5.24 -27.25
CA ARG A 161 -1.92 5.14 -27.32
C ARG A 161 -1.30 6.55 -27.25
N HIS A 162 -1.75 7.45 -28.13
CA HIS A 162 -1.13 8.78 -28.39
C HIS A 162 -1.39 9.74 -27.22
N TRP A 163 -2.62 9.78 -26.72
CA TRP A 163 -3.10 10.75 -25.71
C TRP A 163 -2.86 10.24 -24.28
N LEU A 164 -2.24 9.06 -24.14
CA LEU A 164 -1.73 8.52 -22.85
C LEU A 164 -0.32 7.94 -23.07
N ARG A 165 0.45 8.52 -24.00
CA ARG A 165 1.85 8.10 -24.28
C ARG A 165 2.76 8.50 -23.12
N TYR A 166 2.56 9.71 -22.58
CA TYR A 166 3.45 10.35 -21.57
C TYR A 166 2.75 10.44 -20.22
N ILE A 167 1.60 9.78 -20.06
CA ILE A 167 0.83 9.73 -18.78
C ILE A 167 1.67 8.97 -17.73
N LYS A 168 1.60 9.39 -16.47
CA LYS A 168 2.29 8.73 -15.33
C LYS A 168 1.45 7.52 -14.88
N ASN A 169 1.94 6.30 -15.13
CA ASN A 169 1.30 5.02 -14.73
C ASN A 169 2.17 4.36 -13.65
N PHE A 170 1.74 4.43 -12.39
N PHE A 170 1.74 4.44 -12.39
CA PHE A 170 2.48 3.92 -11.21
CA PHE A 170 2.47 3.91 -11.20
C PHE A 170 2.16 2.44 -10.99
C PHE A 170 2.14 2.43 -11.01
N ILE A 171 3.08 1.56 -11.44
CA ILE A 171 3.00 0.08 -11.30
C ILE A 171 4.10 -0.35 -10.32
N SER A 172 3.82 -1.38 -9.51
CA SER A 172 4.80 -1.94 -8.53
C SER A 172 6.13 -2.18 -9.24
N PRO A 173 7.27 -1.80 -8.62
CA PRO A 173 8.59 -2.18 -9.13
C PRO A 173 8.81 -3.70 -9.21
N TYR A 174 7.96 -4.49 -8.55
CA TYR A 174 8.13 -5.96 -8.35
C TYR A 174 7.06 -6.76 -9.11
N TYR A 175 6.25 -6.11 -9.95
CA TYR A 175 5.09 -6.74 -10.65
C TYR A 175 5.58 -7.75 -11.69
N GLU A 176 6.88 -7.71 -12.07
CA GLU A 176 7.47 -8.59 -13.10
C GLU A 176 8.82 -9.16 -12.66
N THR A 177 9.19 -9.07 -11.38
CA THR A 177 10.51 -9.54 -10.88
C THR A 177 10.37 -10.97 -10.34
N SER A 178 11.38 -11.81 -10.60
CA SER A 178 11.49 -13.21 -10.08
C SER A 178 11.94 -13.16 -8.62
N ASP A 179 11.44 -14.08 -7.79
CA ASP A 179 11.79 -14.21 -6.36
C ASP A 179 11.85 -12.83 -5.71
N PRO A 180 10.77 -12.01 -5.80
CA PRO A 180 10.80 -10.65 -5.26
C PRO A 180 11.00 -10.65 -3.73
N ASP A 181 10.56 -11.71 -3.05
CA ASP A 181 10.78 -11.92 -1.60
C ASP A 181 12.28 -11.88 -1.28
N VAL A 182 13.11 -12.47 -2.14
CA VAL A 182 14.60 -12.53 -2.00
C VAL A 182 15.18 -11.13 -2.24
N VAL A 183 14.80 -10.49 -3.35
CA VAL A 183 15.27 -9.12 -3.76
C VAL A 183 15.12 -8.18 -2.57
N ILE A 184 13.91 -8.12 -2.01
CA ILE A 184 13.50 -7.21 -0.89
C ILE A 184 14.26 -7.62 0.39
N GLU A 185 14.30 -8.91 0.70
CA GLU A 185 15.01 -9.48 1.89
C GLU A 185 16.46 -8.96 1.92
N LEU A 186 17.17 -9.05 0.78
CA LEU A 186 18.59 -8.65 0.64
C LEU A 186 18.72 -7.14 0.80
N LEU A 187 17.76 -6.36 0.29
CA LEU A 187 17.74 -4.87 0.38
C LEU A 187 17.47 -4.44 1.82
N LEU A 188 16.81 -5.29 2.62
CA LEU A 188 16.52 -5.03 4.07
C LEU A 188 17.73 -5.42 4.91
N LYS A 189 18.57 -6.33 4.43
CA LYS A 189 19.81 -6.78 5.13
C LYS A 189 20.95 -5.80 4.84
N ARG A 190 21.02 -5.27 3.61
CA ARG A 190 21.97 -4.20 3.20
C ARG A 190 21.75 -2.98 4.10
N VAL A 191 20.50 -2.51 4.17
CA VAL A 191 20.08 -1.32 4.97
C VAL A 191 20.33 -1.57 6.45
N GLY A 192 20.36 -2.84 6.87
CA GLY A 192 21.02 -3.29 8.12
C GLY A 192 20.05 -3.81 9.17
N PHE A 193 18.88 -4.31 8.79
CA PHE A 193 17.93 -5.00 9.71
C PHE A 193 18.56 -6.33 10.15
N ARG A 194 18.50 -6.62 11.45
CA ARG A 194 19.15 -7.80 12.07
C ARG A 194 18.30 -9.05 11.77
N TYR A 195 17.00 -8.99 12.05
CA TYR A 195 15.99 -10.02 11.69
C TYR A 195 15.14 -9.49 10.53
N VAL A 196 14.82 -10.36 9.57
CA VAL A 196 14.01 -10.02 8.36
C VAL A 196 13.25 -11.27 7.89
N ASP A 197 11.93 -11.17 7.76
CA ASP A 197 11.03 -12.23 7.23
C ASP A 197 10.19 -11.61 6.11
N VAL A 198 10.47 -11.97 4.85
CA VAL A 198 9.75 -11.50 3.64
C VAL A 198 9.08 -12.71 2.97
N ARG A 199 7.76 -12.78 3.05
CA ARG A 199 6.93 -13.83 2.40
C ARG A 199 6.10 -13.20 1.28
N CYS A 200 5.93 -13.92 0.18
CA CYS A 200 5.13 -13.52 -1.01
C CYS A 200 3.80 -14.29 -0.97
N ARG A 201 2.69 -13.60 -0.68
CA ARG A 201 1.36 -14.21 -0.44
C ARG A 201 0.46 -14.00 -1.66
N GLN A 202 0.16 -15.08 -2.38
CA GLN A 202 -0.87 -15.12 -3.45
C GLN A 202 -2.24 -14.95 -2.80
N LYS A 203 -3.06 -14.05 -3.34
CA LYS A 203 -4.41 -13.71 -2.81
C LYS A 203 -5.43 -13.72 -3.95
N LYS A 204 -6.64 -14.20 -3.67
CA LYS A 204 -7.83 -14.05 -4.56
C LYS A 204 -8.80 -13.05 -3.91
N PHE A 205 -9.32 -12.10 -4.69
CA PHE A 205 -10.47 -11.24 -4.34
C PHE A 205 -11.50 -11.29 -5.48
N GLU A 206 -12.78 -11.48 -5.12
CA GLU A 206 -13.89 -11.68 -6.08
C GLU A 206 -14.85 -10.47 -6.04
N PHE A 207 -15.47 -10.17 -7.18
CA PHE A 207 -16.56 -9.19 -7.34
C PHE A 207 -17.79 -9.91 -7.92
N TYR A 208 -18.95 -9.75 -7.28
CA TYR A 208 -20.17 -10.55 -7.53
C TYR A 208 -21.08 -9.85 -8.56
N ASP A 209 -20.97 -8.52 -8.67
CA ASP A 209 -21.57 -7.71 -9.77
C ASP A 209 -20.46 -6.89 -10.43
N LEU A 210 -20.69 -6.35 -11.63
CA LEU A 210 -19.71 -5.53 -12.38
C LEU A 210 -19.62 -4.12 -11.78
N LYS A 211 -20.71 -3.60 -11.22
CA LYS A 211 -20.79 -2.22 -10.68
C LYS A 211 -19.77 -2.05 -9.54
N SER A 212 -19.52 -3.12 -8.76
CA SER A 212 -18.54 -3.15 -7.64
C SER A 212 -17.11 -3.11 -8.20
N PHE A 213 -16.84 -3.88 -9.27
CA PHE A 213 -15.53 -3.92 -9.96
C PHE A 213 -15.27 -2.57 -10.63
N ARG A 214 -16.26 -2.07 -11.38
CA ARG A 214 -16.23 -0.73 -12.04
C ARG A 214 -15.88 0.33 -10.99
N ASN A 215 -16.59 0.32 -9.86
CA ASN A 215 -16.41 1.28 -8.73
C ASN A 215 -14.94 1.32 -8.30
N LEU A 216 -14.27 0.15 -8.25
CA LEU A 216 -12.83 0.04 -7.89
C LEU A 216 -11.98 0.69 -8.99
N LEU A 217 -12.17 0.28 -10.25
CA LEU A 217 -11.38 0.76 -11.41
C LEU A 217 -11.39 2.29 -11.43
N GLU A 218 -12.58 2.90 -11.33
CA GLU A 218 -12.79 4.37 -11.25
C GLU A 218 -11.88 4.97 -10.16
N ALA A 219 -11.82 4.34 -9.00
CA ALA A 219 -11.11 4.82 -7.80
C ALA A 219 -9.59 4.80 -8.01
N VAL A 220 -9.04 3.69 -8.51
CA VAL A 220 -7.57 3.40 -8.52
C VAL A 220 -6.95 3.79 -9.86
N SER A 221 -7.76 4.08 -10.88
CA SER A 221 -7.30 4.53 -12.22
C SER A 221 -6.14 5.52 -12.05
N PRO A 222 -4.99 5.30 -12.71
CA PRO A 222 -3.84 6.20 -12.58
C PRO A 222 -3.89 7.35 -13.60
N PHE A 223 -4.96 7.41 -14.39
CA PHE A 223 -5.17 8.38 -15.50
C PHE A 223 -6.22 9.41 -15.09
N LYS A 224 -5.77 10.48 -14.43
CA LYS A 224 -6.58 11.71 -14.25
C LYS A 224 -6.78 12.33 -15.64
N VAL A 225 -8.03 12.46 -16.06
CA VAL A 225 -8.45 13.06 -17.36
C VAL A 225 -9.80 13.74 -17.15
N GLY A 226 -10.21 14.62 -18.07
CA GLY A 226 -11.53 15.26 -18.06
C GLY A 226 -12.62 14.30 -17.61
N GLN A 227 -13.45 14.73 -16.66
CA GLN A 227 -14.54 13.92 -16.03
C GLN A 227 -15.51 13.39 -17.10
N GLU A 228 -15.55 14.04 -18.25
CA GLU A 228 -16.45 13.69 -19.40
C GLU A 228 -15.82 12.55 -20.22
N LEU A 229 -14.50 12.34 -20.09
CA LEU A 229 -13.77 11.18 -20.68
C LEU A 229 -13.65 10.05 -19.65
N GLN A 230 -13.46 10.39 -18.37
CA GLN A 230 -13.30 9.43 -17.24
C GLN A 230 -14.28 8.26 -17.40
N GLU A 231 -15.54 8.55 -17.74
CA GLU A 231 -16.60 7.53 -17.92
C GLU A 231 -16.28 6.66 -19.15
N GLU A 232 -15.95 7.28 -20.28
CA GLU A 232 -15.68 6.57 -21.58
C GLU A 232 -14.41 5.73 -21.46
N LEU A 233 -13.40 6.23 -20.75
CA LEU A 233 -12.10 5.54 -20.54
C LEU A 233 -12.36 4.19 -19.86
N ILE A 234 -13.07 4.18 -18.72
CA ILE A 234 -13.34 2.95 -17.91
C ILE A 234 -14.28 2.03 -18.70
N ASP A 235 -15.17 2.59 -19.53
CA ASP A 235 -16.04 1.80 -20.46
C ASP A 235 -15.15 0.88 -21.30
N ASP A 236 -14.00 1.39 -21.75
CA ASP A 236 -13.01 0.67 -22.59
C ASP A 236 -12.16 -0.25 -21.71
N VAL A 237 -11.81 0.20 -20.50
CA VAL A 237 -11.03 -0.59 -19.49
C VAL A 237 -11.87 -1.83 -19.10
N MET A 238 -13.15 -1.64 -18.82
CA MET A 238 -14.10 -2.75 -18.51
C MET A 238 -14.17 -3.70 -19.70
N GLU A 239 -13.91 -3.21 -20.91
CA GLU A 239 -13.97 -4.01 -22.16
C GLU A 239 -12.70 -4.86 -22.31
N VAL A 240 -11.52 -4.26 -22.08
CA VAL A 240 -10.22 -5.00 -22.14
C VAL A 240 -10.14 -5.96 -20.95
N ALA A 241 -10.87 -5.68 -19.86
CA ALA A 241 -11.01 -6.57 -18.69
C ALA A 241 -11.78 -7.84 -19.11
N LYS A 242 -12.76 -7.71 -20.02
CA LYS A 242 -13.48 -8.87 -20.61
C LYS A 242 -12.53 -9.67 -21.50
N GLU A 243 -11.72 -8.97 -22.30
CA GLU A 243 -10.73 -9.58 -23.25
C GLU A 243 -9.63 -10.29 -22.45
N MET A 244 -9.24 -9.74 -21.30
CA MET A 244 -8.15 -10.26 -20.43
C MET A 244 -8.71 -11.32 -19.47
N ARG A 245 -10.03 -11.49 -19.43
CA ARG A 245 -10.75 -12.49 -18.61
C ARG A 245 -10.61 -12.14 -17.11
N ILE A 246 -10.42 -10.86 -16.79
CA ILE A 246 -10.48 -10.36 -15.38
C ILE A 246 -11.94 -10.46 -14.93
N ILE A 247 -12.87 -10.08 -15.81
CA ILE A 247 -14.34 -10.24 -15.60
C ILE A 247 -14.82 -11.46 -16.39
N ASP A 248 -15.71 -12.27 -15.80
CA ASP A 248 -16.36 -13.45 -16.42
C ASP A 248 -17.68 -12.98 -17.04
N THR A 249 -17.75 -12.97 -18.38
CA THR A 249 -18.85 -12.37 -19.18
C THR A 249 -20.17 -13.11 -18.90
N GLN A 250 -20.13 -14.44 -18.85
CA GLN A 250 -21.32 -15.32 -18.71
C GLN A 250 -21.97 -15.12 -17.33
N ASN A 251 -21.18 -15.05 -16.26
CA ASN A 251 -21.69 -14.93 -14.86
C ASN A 251 -21.84 -13.46 -14.48
N SER A 252 -21.25 -12.54 -15.26
CA SER A 252 -21.16 -11.09 -14.95
C SER A 252 -20.54 -10.91 -13.57
N THR A 253 -19.31 -11.43 -13.40
CA THR A 253 -18.48 -11.35 -12.18
C THR A 253 -17.06 -10.92 -12.57
N ALA A 254 -16.25 -10.52 -11.58
CA ALA A 254 -14.81 -10.22 -11.75
C ALA A 254 -14.01 -10.91 -10.64
N LYS A 255 -12.76 -11.28 -10.94
CA LYS A 255 -11.85 -12.03 -10.04
C LYS A 255 -10.43 -11.52 -10.24
N LEU A 256 -9.74 -11.18 -9.15
CA LEU A 256 -8.32 -10.72 -9.15
C LEU A 256 -7.48 -11.66 -8.29
N ILE A 257 -6.51 -12.34 -8.90
CA ILE A 257 -5.45 -13.12 -8.20
C ILE A 257 -4.15 -12.32 -8.31
N TYR A 258 -3.55 -11.99 -7.16
CA TYR A 258 -2.41 -11.05 -7.05
C TYR A 258 -1.49 -11.50 -5.92
N ASN A 259 -0.22 -11.08 -6.00
CA ASN A 259 0.83 -11.37 -4.98
C ASN A 259 0.99 -10.13 -4.08
N LEU A 260 0.83 -10.33 -2.77
CA LEU A 260 1.08 -9.32 -1.71
C LEU A 260 2.27 -9.78 -0.87
N VAL A 261 3.42 -9.11 -0.97
CA VAL A 261 4.62 -9.42 -0.13
C VAL A 261 4.41 -8.75 1.23
N VAL A 262 4.48 -9.52 2.32
CA VAL A 262 4.38 -9.00 3.72
C VAL A 262 5.76 -9.16 4.37
N ILE A 263 6.24 -8.07 4.97
CA ILE A 263 7.62 -7.93 5.54
C ILE A 263 7.53 -7.75 7.05
N HIS A 264 8.26 -8.56 7.82
CA HIS A 264 8.33 -8.52 9.30
C HIS A 264 9.80 -8.57 9.72
N CYS A 265 10.35 -7.43 10.14
CA CYS A 265 11.81 -7.24 10.42
C CYS A 265 12.00 -6.48 11.75
N ARG A 266 13.17 -6.69 12.37
CA ARG A 266 13.59 -6.00 13.63
C ARG A 266 15.02 -5.48 13.45
N LYS A 267 15.35 -4.37 14.14
CA LYS A 267 16.73 -3.83 14.25
C LYS A 267 17.10 -3.77 15.74
#